data_4GSD
#
_entry.id   4GSD
#
_cell.length_a   150.430
_cell.length_b   150.430
_cell.length_c   70.517
_cell.angle_alpha   90.00
_cell.angle_beta   90.00
_cell.angle_gamma   120.00
#
_symmetry.space_group_name_H-M   'P 61'
#
loop_
_entity.id
_entity.type
_entity.pdbx_description
1 polymer 'H5.3 Fab Light Chain'
2 polymer 'H5.3 Fab Heavy Chain'
3 water water
#
loop_
_entity_poly.entity_id
_entity_poly.type
_entity_poly.pdbx_seq_one_letter_code
_entity_poly.pdbx_strand_id
1 'polypeptide(L)'
;SYELTQPPSVSVSPGQTVNITCSGDTLGDKYVCWYQQKPGQSPVLVIYQDTKRPSGIPERFSGSNSGDTATLTVSGTQAM
DEADYYCQAWDSSSFVFGTGTKVTVLRQPKANPTVTLFPPSSEELQANKATLVCLISDFYPGAVTVAWKADGSPVKAGVE
TTKPSKQSNNKYAASSYLSLTPEQWKSHRSYSCQVTHEGSTVEKTVAPTECS
;
L
2 'polypeptide(L)'
;EVQLQESGPGLVKPSGTVSLTCAVSGGSISSSYWWSWVRQPPGKGLEWIGEIYHSGNTNYNPSLKSRVTISVDKSKNLFS
LKLSSVTAADTAVYYCARVALFDILTGGWFDPWGQGTLVTVSSAGTKGPSVFPLAPSSKSTSGGTAALGCLVKDYFPEPV
TVSWNSGALTSGVHTFPAVLQSSGLYSLSSVVTVPSSSLGTQTYICNVNHKPSNTKVDKRVEPKSC
;
H
#
# COMPACT_ATOMS: atom_id res chain seq x y z
N LEU A 4 4.69 22.38 14.27
CA LEU A 4 3.46 21.59 14.39
C LEU A 4 3.74 20.12 14.65
N THR A 5 3.61 19.70 15.90
CA THR A 5 4.00 18.35 16.31
C THR A 5 2.84 17.47 16.76
N GLN A 6 3.00 16.16 16.54
CA GLN A 6 2.05 15.16 17.00
C GLN A 6 2.82 13.99 17.60
N PRO A 7 2.19 13.24 18.52
CA PRO A 7 2.86 12.03 19.00
C PRO A 7 2.97 11.03 17.85
N PRO A 8 4.13 10.37 17.72
CA PRO A 8 4.32 9.42 16.61
C PRO A 8 3.29 8.30 16.64
N SER A 9 2.94 7.84 17.83
CA SER A 9 2.00 6.73 17.93
C SER A 9 1.11 6.83 19.17
N VAL A 10 -0.06 6.22 19.07
CA VAL A 10 -0.98 6.13 20.18
C VAL A 10 -1.76 4.83 20.01
N SER A 11 -2.08 4.18 21.12
CA SER A 11 -2.81 2.93 21.07
C SER A 11 -4.06 3.00 21.93
N VAL A 12 -5.01 2.10 21.66
CA VAL A 12 -6.30 2.13 22.34
C VAL A 12 -6.95 0.73 22.29
N SER A 13 -7.88 0.46 23.19
CA SER A 13 -8.65 -0.77 23.16
C SER A 13 -9.85 -0.59 22.23
N PRO A 14 -10.38 -1.69 21.69
CA PRO A 14 -11.53 -1.55 20.77
C PRO A 14 -12.79 -1.01 21.46
N GLY A 15 -13.49 -0.11 20.78
CA GLY A 15 -14.68 0.51 21.34
C GLY A 15 -14.37 1.64 22.30
N GLN A 16 -13.08 1.86 22.54
CA GLN A 16 -12.59 2.85 23.49
C GLN A 16 -12.22 4.12 22.72
N THR A 17 -12.26 5.28 23.37
CA THR A 17 -11.98 6.53 22.66
C THR A 17 -10.51 6.89 22.64
N VAL A 18 -10.02 7.31 21.47
CA VAL A 18 -8.63 7.74 21.35
C VAL A 18 -8.54 9.21 20.94
N ASN A 19 -7.52 9.89 21.46
CA ASN A 19 -7.26 11.28 21.11
C ASN A 19 -5.93 11.45 20.41
N ILE A 20 -5.97 12.08 19.23
CA ILE A 20 -4.76 12.44 18.53
C ILE A 20 -4.58 13.94 18.68
N THR A 21 -3.52 14.35 19.37
CA THR A 21 -3.26 15.77 19.52
C THR A 21 -2.24 16.31 18.54
N CYS A 22 -2.42 17.58 18.23
CA CYS A 22 -1.56 18.30 17.33
C CYS A 22 -1.25 19.58 18.09
N SER A 23 0.01 19.97 18.18
CA SER A 23 0.34 21.17 18.94
C SER A 23 1.35 22.08 18.26
N GLY A 24 1.17 23.37 18.48
CA GLY A 24 1.98 24.40 17.85
C GLY A 24 1.58 25.73 18.44
N ASP A 25 2.45 26.73 18.38
CA ASP A 25 2.15 27.99 19.05
C ASP A 25 0.98 28.69 18.36
N THR A 26 0.10 29.27 19.18
CA THR A 26 -1.08 29.99 18.70
C THR A 26 -1.93 29.16 17.74
N LEU A 27 -1.96 27.84 17.95
CA LEU A 27 -2.71 26.93 17.09
C LEU A 27 -4.21 27.25 17.09
N GLY A 28 -4.71 27.68 18.24
CA GLY A 28 -6.09 28.09 18.36
C GLY A 28 -6.47 29.26 17.45
N ASP A 29 -5.48 30.02 17.01
CA ASP A 29 -5.72 31.12 16.06
C ASP A 29 -5.73 30.64 14.63
N LYS A 30 -5.63 29.32 14.43
CA LYS A 30 -5.61 28.77 13.08
C LYS A 30 -6.74 27.77 12.90
N TYR A 31 -7.19 27.59 11.66
CA TYR A 31 -8.18 26.56 11.33
C TYR A 31 -7.46 25.23 11.07
N VAL A 32 -7.88 24.20 11.78
CA VAL A 32 -7.23 22.89 11.68
C VAL A 32 -8.06 21.88 10.88
N CYS A 33 -7.39 21.17 9.97
CA CYS A 33 -7.97 20.03 9.29
C CYS A 33 -7.32 18.76 9.82
N TRP A 34 -8.03 17.64 9.66
CA TRP A 34 -7.50 16.32 9.97
C TRP A 34 -7.70 15.38 8.80
N TYR A 35 -6.65 14.62 8.48
CA TYR A 35 -6.70 13.63 7.41
C TYR A 35 -6.45 12.24 7.97
N GLN A 36 -7.21 11.27 7.48
CA GLN A 36 -6.97 9.86 7.80
C GLN A 36 -6.34 9.17 6.58
N GLN A 37 -5.18 8.54 6.79
CA GLN A 37 -4.55 7.80 5.71
C GLN A 37 -4.30 6.36 6.15
N LYS A 38 -5.07 5.42 5.61
CA LYS A 38 -4.81 4.00 5.85
C LYS A 38 -3.67 3.53 4.95
N PRO A 39 -2.98 2.44 5.35
CA PRO A 39 -1.85 1.92 4.58
C PRO A 39 -2.19 1.65 3.11
N GLY A 40 -1.30 2.05 2.22
CA GLY A 40 -1.52 1.92 0.80
C GLY A 40 -2.62 2.80 0.21
N GLN A 41 -3.12 3.76 0.99
CA GLN A 41 -4.21 4.59 0.51
C GLN A 41 -3.92 6.07 0.55
N SER A 42 -4.74 6.84 -0.15
CA SER A 42 -4.65 8.29 -0.14
C SER A 42 -5.23 8.84 1.16
N PRO A 43 -4.75 10.02 1.58
CA PRO A 43 -5.35 10.71 2.74
C PRO A 43 -6.79 11.11 2.43
N VAL A 44 -7.62 11.12 3.46
CA VAL A 44 -9.02 11.47 3.32
C VAL A 44 -9.37 12.53 4.36
N LEU A 45 -9.95 13.64 3.91
CA LEU A 45 -10.37 14.71 4.80
C LEU A 45 -11.42 14.20 5.77
N VAL A 46 -11.12 14.32 7.05
CA VAL A 46 -11.98 13.82 8.12
C VAL A 46 -12.56 14.97 8.99
N ILE A 47 -11.79 16.06 9.11
CA ILE A 47 -12.28 17.26 9.81
C ILE A 47 -11.72 18.50 9.11
N TYR A 48 -12.53 19.54 8.96
CA TYR A 48 -12.03 20.84 8.51
C TYR A 48 -12.61 21.92 9.42
N GLN A 49 -11.99 23.10 9.42
CA GLN A 49 -12.41 24.21 10.28
C GLN A 49 -12.53 23.75 11.74
N ASP A 50 -11.52 23.01 12.20
CA ASP A 50 -11.39 22.55 13.58
C ASP A 50 -12.39 21.47 14.01
N THR A 51 -13.62 21.58 13.53
CA THR A 51 -14.78 21.01 14.19
C THR A 51 -15.72 20.30 13.20
N LYS A 52 -15.59 20.66 11.94
CA LYS A 52 -16.59 20.29 10.95
C LYS A 52 -16.25 18.98 10.24
N ARG A 53 -17.26 18.13 10.07
CA ARG A 53 -17.11 16.91 9.28
C ARG A 53 -17.64 17.12 7.87
N PRO A 54 -16.82 16.78 6.86
CA PRO A 54 -17.30 16.72 5.48
C PRO A 54 -18.43 15.72 5.40
N SER A 55 -19.32 15.88 4.44
CA SER A 55 -20.38 14.90 4.21
C SER A 55 -19.80 13.52 4.00
N GLY A 56 -20.32 12.54 4.74
CA GLY A 56 -19.88 11.17 4.61
C GLY A 56 -19.07 10.67 5.80
N ILE A 57 -18.44 11.60 6.51
CA ILE A 57 -17.63 11.25 7.67
C ILE A 57 -18.56 11.06 8.89
N PRO A 58 -18.48 9.89 9.54
CA PRO A 58 -19.42 9.56 10.61
C PRO A 58 -19.18 10.38 11.88
N GLU A 59 -20.23 10.56 12.67
CA GLU A 59 -20.20 11.37 13.89
C GLU A 59 -19.16 10.90 14.91
N ARG A 60 -18.74 9.64 14.79
CA ARG A 60 -17.74 9.06 15.69
C ARG A 60 -16.46 9.90 15.73
N PHE A 61 -16.18 10.57 14.62
CA PHE A 61 -15.05 11.50 14.51
C PHE A 61 -15.46 12.91 14.92
N SER A 62 -14.69 13.52 15.81
CA SER A 62 -14.93 14.91 16.18
C SER A 62 -13.62 15.65 16.42
N GLY A 63 -13.67 16.98 16.37
CA GLY A 63 -12.47 17.77 16.49
C GLY A 63 -12.61 18.91 17.47
N SER A 64 -11.49 19.30 18.06
CA SER A 64 -11.49 20.54 18.84
C SER A 64 -10.14 21.21 18.68
N ASN A 65 -10.07 22.47 19.10
CA ASN A 65 -8.88 23.26 18.96
C ASN A 65 -8.94 24.42 19.95
N SER A 66 -8.09 24.37 20.97
CA SER A 66 -8.02 25.43 21.97
C SER A 66 -6.59 25.66 22.41
N GLY A 67 -6.21 26.93 22.48
CA GLY A 67 -4.89 27.30 22.95
C GLY A 67 -3.80 26.92 21.97
N ASP A 68 -2.97 25.96 22.38
CA ASP A 68 -1.85 25.52 21.56
C ASP A 68 -2.04 24.11 21.01
N THR A 69 -3.16 23.49 21.34
CA THR A 69 -3.39 22.10 20.96
C THR A 69 -4.74 21.88 20.27
N ALA A 70 -4.70 21.14 19.16
CA ALA A 70 -5.91 20.71 18.46
C ALA A 70 -6.03 19.21 18.64
N THR A 71 -7.25 18.72 18.75
CA THR A 71 -7.47 17.31 19.06
C THR A 71 -8.48 16.65 18.13
N LEU A 72 -8.06 15.54 17.53
CA LEU A 72 -9.01 14.70 16.82
C LEU A 72 -9.40 13.56 17.75
N THR A 73 -10.69 13.41 17.99
CA THR A 73 -11.20 12.37 18.85
C THR A 73 -12.01 11.36 18.06
N VAL A 74 -11.77 10.07 18.28
CA VAL A 74 -12.68 9.08 17.73
C VAL A 74 -13.17 8.15 18.85
N SER A 75 -14.49 8.09 18.99
CA SER A 75 -15.11 7.57 20.21
C SER A 75 -15.15 6.04 20.37
N GLY A 76 -15.86 5.34 19.50
CA GLY A 76 -15.97 3.90 19.65
C GLY A 76 -14.98 3.25 18.72
N THR A 77 -13.69 3.39 19.01
CA THR A 77 -12.65 3.03 18.06
C THR A 77 -12.73 1.57 17.66
N GLN A 78 -12.73 1.35 16.35
CA GLN A 78 -12.72 0.01 15.80
C GLN A 78 -11.37 -0.24 15.16
N ALA A 79 -11.08 -1.51 14.88
CA ALA A 79 -9.82 -1.88 14.28
C ALA A 79 -9.61 -1.19 12.94
N MET A 80 -10.68 -0.99 12.18
CA MET A 80 -10.60 -0.33 10.88
C MET A 80 -10.20 1.14 10.99
N ASP A 81 -10.30 1.72 12.19
CA ASP A 81 -9.87 3.11 12.39
C ASP A 81 -8.35 3.25 12.47
N GLU A 82 -7.64 2.12 12.47
CA GLU A 82 -6.17 2.18 12.50
C GLU A 82 -5.65 2.88 11.25
N ALA A 83 -4.84 3.91 11.45
CA ALA A 83 -4.33 4.70 10.34
C ALA A 83 -3.28 5.65 10.84
N ASP A 84 -2.69 6.42 9.91
CA ASP A 84 -1.92 7.61 10.28
C ASP A 84 -2.84 8.81 10.18
N TYR A 85 -2.89 9.61 11.23
CA TYR A 85 -3.72 10.82 11.23
C TYR A 85 -2.84 12.03 11.21
N TYR A 86 -3.07 12.88 10.21
CA TYR A 86 -2.33 14.11 10.05
C TYR A 86 -3.21 15.32 10.29
N CYS A 87 -2.74 16.26 11.09
CA CYS A 87 -3.41 17.54 11.22
C CYS A 87 -2.82 18.51 10.21
N GLN A 88 -3.55 19.57 9.93
CA GLN A 88 -3.10 20.60 9.01
C GLN A 88 -3.67 21.94 9.47
N ALA A 89 -2.79 22.90 9.74
CA ALA A 89 -3.18 24.22 10.28
C ALA A 89 -3.10 25.32 9.23
N TRP A 90 -4.17 26.10 9.12
CA TRP A 90 -4.29 27.15 8.11
C TRP A 90 -4.25 28.57 8.67
N ASP A 91 -3.43 29.40 8.02
CA ASP A 91 -3.37 30.85 8.17
C ASP A 91 -3.98 31.47 6.92
N SER A 92 -4.15 32.79 6.94
CA SER A 92 -4.56 33.50 5.74
C SER A 92 -3.44 33.51 4.70
N SER A 93 -2.25 33.04 5.08
CA SER A 93 -1.10 33.09 4.19
C SER A 93 -0.39 31.74 3.97
N SER A 94 -0.72 30.74 4.76
CA SER A 94 -0.02 29.47 4.65
C SER A 94 -0.75 28.29 5.30
N PHE A 95 -0.20 27.09 5.09
CA PHE A 95 -0.62 25.94 5.86
C PHE A 95 0.61 25.15 6.26
N VAL A 96 0.47 24.35 7.31
CA VAL A 96 1.54 23.46 7.76
C VAL A 96 0.94 22.09 8.08
N PHE A 97 1.57 21.03 7.59
CA PHE A 97 1.16 19.66 7.92
C PHE A 97 1.79 19.20 9.22
N GLY A 98 1.05 18.43 10.02
CA GLY A 98 1.61 17.78 11.19
C GLY A 98 2.42 16.58 10.77
N THR A 99 3.23 16.03 11.67
CA THR A 99 4.10 14.92 11.33
C THR A 99 3.38 13.57 11.31
N GLY A 100 2.14 13.53 11.78
CA GLY A 100 1.33 12.31 11.71
C GLY A 100 1.39 11.44 12.95
N THR A 101 0.26 10.83 13.29
CA THR A 101 0.17 9.90 14.41
C THR A 101 -0.43 8.55 13.97
N LYS A 102 0.31 7.46 14.18
CA LYS A 102 -0.19 6.11 13.92
C LYS A 102 -1.09 5.62 15.07
N VAL A 103 -2.31 5.21 14.74
CA VAL A 103 -3.20 4.69 15.77
C VAL A 103 -3.23 3.16 15.73
N THR A 104 -3.06 2.55 16.90
CA THR A 104 -3.13 1.10 17.04
C THR A 104 -4.26 0.72 18.01
N VAL A 105 -5.01 -0.33 17.67
CA VAL A 105 -5.97 -0.94 18.59
C VAL A 105 -5.42 -2.29 19.10
N LEU A 106 -5.37 -2.46 20.42
CA LEU A 106 -4.50 -3.47 21.03
C LEU A 106 -5.09 -4.81 21.49
N ARG A 107 -6.24 -4.77 22.16
CA ARG A 107 -6.75 -5.99 22.78
C ARG A 107 -7.58 -6.85 21.82
N GLN A 108 -7.20 -6.91 20.55
CA GLN A 108 -8.01 -7.61 19.57
C GLN A 108 -7.95 -9.10 19.84
N PRO A 109 -9.02 -9.84 19.47
CA PRO A 109 -9.01 -11.28 19.80
C PRO A 109 -7.87 -12.02 19.11
N LYS A 110 -7.28 -12.98 19.81
CA LYS A 110 -6.18 -13.75 19.24
C LYS A 110 -6.65 -14.60 18.08
N ALA A 111 -5.77 -14.77 17.11
CA ALA A 111 -6.10 -15.54 15.92
C ALA A 111 -4.88 -16.32 15.44
N ASN A 112 -5.08 -17.61 15.17
CA ASN A 112 -4.03 -18.48 14.64
C ASN A 112 -3.85 -18.35 13.15
N PRO A 113 -2.62 -18.52 12.68
CA PRO A 113 -2.39 -18.34 11.23
C PRO A 113 -2.92 -19.49 10.38
N THR A 114 -3.47 -19.16 9.22
CA THR A 114 -3.68 -20.11 8.15
C THR A 114 -2.39 -20.15 7.31
N VAL A 115 -1.89 -21.35 7.06
CA VAL A 115 -0.69 -21.50 6.28
C VAL A 115 -0.98 -22.28 5.02
N THR A 116 -0.62 -21.70 3.88
CA THR A 116 -0.72 -22.39 2.59
C THR A 116 0.64 -22.44 1.93
N LEU A 117 1.05 -23.63 1.53
CA LEU A 117 2.36 -23.83 0.94
C LEU A 117 2.27 -24.44 -0.46
N PHE A 118 2.89 -23.79 -1.43
CA PHE A 118 2.86 -24.26 -2.81
C PHE A 118 4.25 -24.67 -3.22
N PRO A 119 4.36 -25.77 -3.98
CA PRO A 119 5.64 -26.24 -4.53
C PRO A 119 5.95 -25.49 -5.84
N PRO A 120 7.17 -25.65 -6.38
CA PRO A 120 7.50 -25.05 -7.68
C PRO A 120 6.52 -25.50 -8.76
N SER A 121 6.07 -24.59 -9.61
CA SER A 121 5.24 -25.00 -10.74
C SER A 121 6.15 -25.72 -11.73
N SER A 122 5.57 -26.56 -12.57
CA SER A 122 6.36 -27.26 -13.57
C SER A 122 6.86 -26.24 -14.57
N GLU A 123 6.10 -25.17 -14.73
CA GLU A 123 6.54 -24.12 -15.63
C GLU A 123 7.81 -23.44 -15.13
N GLU A 124 7.88 -23.17 -13.82
CA GLU A 124 9.07 -22.52 -13.30
C GLU A 124 10.28 -23.45 -13.37
N LEU A 125 10.05 -24.73 -13.06
CA LEU A 125 11.11 -25.72 -13.20
C LEU A 125 11.66 -25.76 -14.62
N GLN A 126 10.81 -25.68 -15.62
CA GLN A 126 11.33 -25.70 -16.99
C GLN A 126 12.03 -24.40 -17.34
N ALA A 127 11.85 -23.38 -16.50
CA ALA A 127 12.65 -22.16 -16.61
C ALA A 127 13.89 -22.26 -15.72
N ASN A 128 14.16 -23.46 -15.20
CA ASN A 128 15.37 -23.74 -14.42
C ASN A 128 15.43 -23.02 -13.07
N LYS A 129 14.26 -22.77 -12.48
CA LYS A 129 14.18 -22.24 -11.13
C LYS A 129 13.13 -22.98 -10.33
N ALA A 130 13.17 -22.83 -9.01
CA ALA A 130 12.24 -23.51 -8.16
C ALA A 130 12.00 -22.69 -6.92
N THR A 131 10.80 -22.12 -6.83
CA THR A 131 10.43 -21.34 -5.67
C THR A 131 9.33 -22.05 -4.89
N LEU A 132 9.59 -22.26 -3.60
CA LEU A 132 8.56 -22.71 -2.66
C LEU A 132 7.91 -21.48 -2.04
N VAL A 133 6.58 -21.45 -2.03
CA VAL A 133 5.84 -20.25 -1.65
C VAL A 133 4.96 -20.53 -0.43
N CYS A 134 5.31 -19.91 0.68
CA CYS A 134 4.59 -20.12 1.93
C CYS A 134 3.80 -18.87 2.29
N LEU A 135 2.48 -18.97 2.26
CA LEU A 135 1.62 -17.81 2.44
C LEU A 135 0.90 -17.96 3.75
N ILE A 136 0.94 -16.90 4.56
CA ILE A 136 0.46 -16.93 5.94
C ILE A 136 -0.57 -15.84 6.20
N SER A 137 -1.74 -16.23 6.72
CA SER A 137 -2.93 -15.38 6.70
C SER A 137 -3.67 -15.42 8.03
N ASP A 138 -4.45 -14.38 8.30
CA ASP A 138 -5.44 -14.38 9.38
C ASP A 138 -4.89 -14.63 10.76
N PHE A 139 -3.73 -14.07 11.07
CA PHE A 139 -3.22 -14.20 12.41
C PHE A 139 -3.25 -12.88 13.16
N TYR A 140 -3.33 -12.98 14.49
CA TYR A 140 -3.27 -11.83 15.37
C TYR A 140 -2.84 -12.29 16.73
N PRO A 141 -1.92 -11.55 17.38
CA PRO A 141 -1.27 -10.31 16.90
C PRO A 141 -0.36 -10.52 15.70
N GLY A 142 0.11 -9.42 15.11
CA GLY A 142 0.84 -9.47 13.85
C GLY A 142 2.32 -9.75 14.02
N ALA A 143 2.63 -10.92 14.56
CA ALA A 143 4.01 -11.36 14.67
C ALA A 143 4.06 -12.87 14.54
N VAL A 144 4.85 -13.36 13.60
CA VAL A 144 5.11 -14.79 13.49
C VAL A 144 6.59 -15.02 13.29
N THR A 145 6.99 -16.28 13.47
CA THR A 145 8.35 -16.71 13.19
C THR A 145 8.24 -17.81 12.14
N VAL A 146 9.08 -17.74 11.12
CA VAL A 146 9.05 -18.71 10.04
C VAL A 146 10.37 -19.44 9.94
N ALA A 147 10.31 -20.76 9.99
CA ALA A 147 11.47 -21.61 9.83
C ALA A 147 11.15 -22.62 8.75
N TRP A 148 12.13 -22.92 7.92
CA TRP A 148 12.01 -23.93 6.90
C TRP A 148 12.91 -25.11 7.22
N LYS A 149 12.46 -26.31 6.88
CA LYS A 149 13.30 -27.50 6.99
C LYS A 149 13.30 -28.24 5.67
N ALA A 150 14.42 -28.94 5.42
CA ALA A 150 14.53 -29.86 4.30
C ALA A 150 14.94 -31.17 4.93
N ASP A 151 14.11 -32.19 4.76
CA ASP A 151 14.27 -33.47 5.41
C ASP A 151 14.60 -33.32 6.90
N GLY A 152 13.92 -32.41 7.58
CA GLY A 152 14.08 -32.28 9.01
C GLY A 152 15.22 -31.41 9.50
N SER A 153 16.08 -30.96 8.59
CA SER A 153 17.18 -30.08 8.98
C SER A 153 16.85 -28.64 8.64
N PRO A 154 17.25 -27.71 9.51
CA PRO A 154 17.00 -26.27 9.30
C PRO A 154 17.61 -25.75 7.99
N VAL A 155 16.84 -24.95 7.26
CA VAL A 155 17.37 -24.29 6.08
C VAL A 155 17.75 -22.89 6.52
N LYS A 156 19.02 -22.55 6.42
CA LYS A 156 19.51 -21.30 6.99
C LYS A 156 19.89 -20.25 5.95
N ALA A 157 19.62 -20.55 4.68
CA ALA A 157 19.92 -19.60 3.59
C ALA A 157 18.89 -19.74 2.47
N GLY A 158 18.81 -18.73 1.60
CA GLY A 158 17.86 -18.76 0.48
C GLY A 158 16.42 -18.46 0.84
N VAL A 159 16.18 -17.97 2.06
CA VAL A 159 14.84 -17.68 2.53
C VAL A 159 14.60 -16.17 2.60
N GLU A 160 13.46 -15.72 2.10
CA GLU A 160 13.05 -14.32 2.19
C GLU A 160 11.65 -14.27 2.79
N THR A 161 11.49 -13.54 3.87
CA THR A 161 10.23 -13.51 4.59
C THR A 161 9.82 -12.07 4.77
N THR A 162 8.59 -11.73 4.42
CA THR A 162 8.13 -10.36 4.59
C THR A 162 7.79 -10.10 6.06
N LYS A 163 7.75 -8.83 6.42
CA LYS A 163 7.15 -8.42 7.68
C LYS A 163 5.64 -8.54 7.55
N PRO A 164 4.94 -8.76 8.65
CA PRO A 164 3.49 -8.89 8.57
C PRO A 164 2.80 -7.57 8.23
N SER A 165 1.69 -7.64 7.52
CA SER A 165 0.94 -6.46 7.17
C SER A 165 -0.55 -6.72 7.36
N LYS A 166 -1.31 -5.67 7.65
CA LYS A 166 -2.73 -5.79 7.94
C LYS A 166 -3.57 -6.18 6.73
N GLN A 167 -4.41 -7.19 6.92
CA GLN A 167 -5.47 -7.48 5.96
C GLN A 167 -6.66 -6.55 6.17
N SER A 168 -7.63 -6.64 5.26
CA SER A 168 -8.81 -5.79 5.34
C SER A 168 -9.76 -6.21 6.46
N ASN A 169 -9.60 -7.44 6.94
CA ASN A 169 -10.39 -7.92 8.09
C ASN A 169 -9.65 -7.70 9.41
N ASN A 170 -8.58 -6.91 9.35
CA ASN A 170 -7.82 -6.48 10.53
C ASN A 170 -6.93 -7.52 11.19
N LYS A 171 -6.85 -8.69 10.59
CA LYS A 171 -5.82 -9.65 10.98
C LYS A 171 -4.61 -9.45 10.08
N TYR A 172 -3.52 -10.17 10.36
CA TYR A 172 -2.27 -9.95 9.64
C TYR A 172 -1.93 -11.08 8.68
N ALA A 173 -1.07 -10.76 7.72
CA ALA A 173 -0.62 -11.72 6.72
C ALA A 173 0.87 -11.53 6.49
N ALA A 174 1.53 -12.58 6.03
CA ALA A 174 2.95 -12.52 5.67
C ALA A 174 3.22 -13.63 4.69
N SER A 175 4.38 -13.58 4.08
CA SER A 175 4.73 -14.64 3.16
C SER A 175 6.21 -14.94 3.26
N SER A 176 6.57 -16.16 2.89
CA SER A 176 7.96 -16.57 2.92
C SER A 176 8.29 -17.40 1.69
N TYR A 177 9.49 -17.17 1.16
CA TYR A 177 9.93 -17.80 -0.08
C TYR A 177 11.23 -18.54 0.11
N LEU A 178 11.25 -19.81 -0.31
CA LEU A 178 12.50 -20.55 -0.37
C LEU A 178 12.87 -20.77 -1.85
N SER A 179 14.00 -20.21 -2.26
CA SER A 179 14.41 -20.25 -3.67
C SER A 179 15.48 -21.29 -3.88
N LEU A 180 15.14 -22.36 -4.60
CA LEU A 180 16.06 -23.46 -4.84
C LEU A 180 16.36 -23.55 -6.33
N THR A 181 17.41 -24.28 -6.67
CA THR A 181 17.60 -24.74 -8.05
C THR A 181 16.72 -25.96 -8.20
N PRO A 182 16.39 -26.32 -9.45
CA PRO A 182 15.64 -27.56 -9.68
C PRO A 182 16.36 -28.77 -9.07
N GLU A 183 17.69 -28.77 -9.14
CA GLU A 183 18.51 -29.85 -8.61
C GLU A 183 18.29 -30.00 -7.11
N GLN A 184 18.47 -28.90 -6.38
CA GLN A 184 18.25 -28.90 -4.94
C GLN A 184 16.83 -29.35 -4.57
N TRP A 185 15.85 -28.86 -5.31
CA TRP A 185 14.45 -29.24 -5.10
C TRP A 185 14.31 -30.76 -5.14
N LYS A 186 14.75 -31.38 -6.24
CA LYS A 186 14.58 -32.81 -6.43
C LYS A 186 15.47 -33.68 -5.52
N SER A 187 16.43 -33.06 -4.83
CA SER A 187 17.44 -33.82 -4.09
C SER A 187 17.04 -34.05 -2.64
N HIS A 188 15.84 -33.64 -2.26
CA HIS A 188 15.34 -33.91 -0.93
C HIS A 188 13.96 -34.54 -1.00
N ARG A 189 13.58 -35.23 0.07
CA ARG A 189 12.31 -35.97 0.07
C ARG A 189 11.18 -35.05 0.47
N SER A 190 11.46 -34.12 1.36
CA SER A 190 10.41 -33.30 1.94
C SER A 190 10.93 -31.93 2.30
N TYR A 191 10.09 -30.92 2.13
CA TYR A 191 10.35 -29.58 2.62
C TYR A 191 9.21 -29.13 3.50
N SER A 192 9.54 -28.38 4.54
CA SER A 192 8.55 -27.97 5.52
C SER A 192 8.63 -26.46 5.79
N CYS A 193 7.51 -25.74 5.66
CA CYS A 193 7.42 -24.36 6.11
C CYS A 193 6.71 -24.36 7.46
N GLN A 194 7.35 -23.80 8.49
CA GLN A 194 6.82 -23.90 9.85
C GLN A 194 6.59 -22.51 10.42
N VAL A 195 5.36 -22.24 10.81
CA VAL A 195 5.01 -20.91 11.24
C VAL A 195 4.62 -20.96 12.72
N THR A 196 5.44 -20.31 13.55
CA THR A 196 5.18 -20.26 14.98
C THR A 196 4.51 -18.93 15.32
N HIS A 197 3.41 -19.02 16.06
CA HIS A 197 2.64 -17.86 16.49
C HIS A 197 2.24 -18.11 17.92
N GLU A 198 2.69 -17.24 18.82
CA GLU A 198 2.31 -17.32 20.22
C GLU A 198 2.61 -18.71 20.79
N GLY A 199 3.81 -19.22 20.52
CA GLY A 199 4.25 -20.45 21.13
C GLY A 199 3.79 -21.73 20.46
N SER A 200 2.79 -21.64 19.58
CA SER A 200 2.30 -22.80 18.86
C SER A 200 2.66 -22.75 17.38
N THR A 201 2.75 -23.92 16.73
CA THR A 201 3.29 -24.01 15.38
C THR A 201 2.42 -24.75 14.36
N VAL A 202 2.28 -24.16 13.18
CA VAL A 202 1.61 -24.81 12.06
C VAL A 202 2.64 -25.11 10.97
N GLU A 203 2.72 -26.38 10.59
CA GLU A 203 3.70 -26.81 9.57
C GLU A 203 2.97 -27.31 8.33
N LYS A 204 3.51 -26.98 7.17
CA LYS A 204 3.04 -27.51 5.91
C LYS A 204 4.21 -28.11 5.14
N THR A 205 3.92 -29.17 4.41
CA THR A 205 4.92 -29.97 3.70
C THR A 205 4.66 -29.96 2.21
N VAL A 206 5.72 -29.92 1.41
CA VAL A 206 5.63 -30.35 0.02
C VAL A 206 6.77 -31.31 -0.28
N ALA A 207 6.58 -32.14 -1.30
CA ALA A 207 7.55 -33.16 -1.68
C ALA A 207 7.63 -33.20 -3.20
N PRO A 208 8.84 -33.29 -3.74
CA PRO A 208 9.13 -33.35 -5.20
C PRO A 208 8.41 -34.50 -5.87
N THR A 209 8.20 -35.58 -5.14
CA THR A 209 7.56 -36.77 -5.70
C THR A 209 6.04 -36.61 -5.70
N GLU A 210 5.60 -35.42 -5.29
CA GLU A 210 4.19 -35.01 -5.35
C GLU A 210 3.31 -35.80 -4.39
N VAL B 2 -16.23 14.88 -8.34
CA VAL B 2 -14.89 15.24 -8.80
C VAL B 2 -13.84 14.21 -8.41
N GLN B 3 -13.08 13.75 -9.39
CA GLN B 3 -12.04 12.74 -9.15
C GLN B 3 -10.73 13.13 -9.85
N LEU B 4 -9.61 12.76 -9.23
CA LEU B 4 -8.30 13.06 -9.77
C LEU B 4 -7.56 11.76 -10.10
N GLN B 5 -7.02 11.65 -11.30
CA GLN B 5 -6.27 10.46 -11.68
C GLN B 5 -4.87 10.81 -12.16
N GLU B 6 -3.87 10.39 -11.39
CA GLU B 6 -2.49 10.65 -11.74
C GLU B 6 -1.99 9.66 -12.76
N SER B 7 -0.92 10.02 -13.45
CA SER B 7 -0.34 9.16 -14.46
C SER B 7 0.37 8.03 -13.72
N GLY B 8 0.77 6.99 -14.47
CA GLY B 8 1.19 5.75 -13.86
C GLY B 8 2.57 5.74 -13.24
N PRO B 9 2.85 4.72 -12.40
CA PRO B 9 4.14 4.62 -11.70
C PRO B 9 5.27 4.22 -12.63
N GLY B 10 6.49 4.53 -12.22
CA GLY B 10 7.67 4.19 -12.97
C GLY B 10 8.95 4.68 -12.35
N LEU B 11 10.02 4.39 -13.07
CA LEU B 11 11.38 4.58 -12.64
C LEU B 11 11.92 5.88 -13.24
N VAL B 12 12.79 6.58 -12.50
CA VAL B 12 13.51 7.74 -13.05
C VAL B 12 14.99 7.60 -12.69
N LYS B 13 15.87 7.87 -13.66
CA LYS B 13 17.30 7.78 -13.40
C LYS B 13 17.78 9.00 -12.61
N PRO B 14 18.80 8.80 -11.75
CA PRO B 14 19.46 9.91 -11.04
C PRO B 14 19.79 11.05 -12.00
N SER B 15 19.57 12.29 -11.57
CA SER B 15 19.76 13.50 -12.36
C SER B 15 18.68 13.68 -13.43
N GLY B 16 17.78 12.71 -13.54
CA GLY B 16 16.69 12.78 -14.49
C GLY B 16 15.56 13.64 -13.96
N THR B 17 14.47 13.69 -14.72
CA THR B 17 13.31 14.51 -14.37
C THR B 17 12.05 13.67 -14.15
N VAL B 18 11.48 13.80 -12.96
CA VAL B 18 10.18 13.21 -12.68
C VAL B 18 9.13 14.03 -13.44
N SER B 19 8.22 13.34 -14.12
CA SER B 19 7.21 14.02 -14.90
C SER B 19 5.85 13.33 -14.72
N LEU B 20 4.92 14.01 -14.07
CA LEU B 20 3.62 13.41 -13.75
C LEU B 20 2.49 14.30 -14.23
N THR B 21 1.36 13.69 -14.56
CA THR B 21 0.15 14.46 -14.80
C THR B 21 -1.00 13.96 -13.92
N CYS B 22 -1.99 14.83 -13.74
CA CYS B 22 -3.18 14.50 -12.98
C CYS B 22 -4.38 14.92 -13.81
N ALA B 23 -5.15 13.94 -14.28
CA ALA B 23 -6.33 14.25 -15.09
C ALA B 23 -7.53 14.48 -14.18
N VAL B 24 -8.21 15.60 -14.39
CA VAL B 24 -9.34 15.95 -13.54
C VAL B 24 -10.67 15.60 -14.22
N SER B 25 -11.55 14.92 -13.49
CA SER B 25 -12.87 14.57 -14.02
C SER B 25 -13.98 14.96 -13.05
N GLY B 26 -15.20 15.09 -13.58
CA GLY B 26 -16.35 15.43 -12.76
C GLY B 26 -16.38 16.90 -12.40
N GLY B 27 -15.39 17.63 -12.89
CA GLY B 27 -15.29 19.06 -12.65
C GLY B 27 -14.31 19.68 -13.62
N SER B 28 -14.26 21.01 -13.65
CA SER B 28 -13.34 21.69 -14.56
C SER B 28 -12.11 22.23 -13.86
N ILE B 29 -10.99 22.22 -14.57
CA ILE B 29 -9.76 22.83 -14.08
C ILE B 29 -9.93 24.33 -13.79
N SER B 30 -10.72 25.02 -14.61
CA SER B 30 -10.92 26.47 -14.44
C SER B 30 -11.73 26.83 -13.19
N SER B 31 -12.10 25.83 -12.40
CA SER B 31 -12.70 26.05 -11.10
C SER B 31 -11.76 26.84 -10.20
N SER B 32 -12.31 27.46 -9.17
CA SER B 32 -11.51 28.28 -8.25
C SER B 32 -10.88 27.41 -7.18
N TYR B 33 -9.79 26.74 -7.54
CA TYR B 33 -9.04 25.89 -6.63
C TYR B 33 -7.57 25.91 -6.98
N TRP B 34 -6.72 25.66 -6.00
CA TRP B 34 -5.32 25.39 -6.29
C TRP B 34 -5.18 23.90 -6.63
N TRP B 35 -4.50 23.60 -7.73
CA TRP B 35 -4.22 22.21 -8.07
C TRP B 35 -2.79 21.92 -7.63
N SER B 36 -2.64 20.92 -6.76
CA SER B 36 -1.40 20.74 -6.03
C SER B 36 -0.75 19.38 -6.14
N TRP B 37 0.53 19.34 -5.78
CA TRP B 37 1.28 18.11 -5.68
C TRP B 37 1.90 18.01 -4.29
N VAL B 38 1.84 16.79 -3.74
CA VAL B 38 2.37 16.46 -2.43
C VAL B 38 3.05 15.11 -2.59
N ARG B 39 4.12 14.87 -1.86
CA ARG B 39 4.77 13.56 -1.94
C ARG B 39 4.99 12.98 -0.57
N GLN B 40 5.21 11.67 -0.55
CA GLN B 40 5.39 10.96 0.69
C GLN B 40 6.44 9.87 0.50
N PRO B 41 7.69 10.15 0.90
CA PRO B 41 8.71 9.11 0.88
C PRO B 41 8.28 7.95 1.77
N PRO B 42 8.71 6.73 1.45
CA PRO B 42 8.28 5.56 2.23
C PRO B 42 8.56 5.76 3.72
N GLY B 43 7.55 5.49 4.55
CA GLY B 43 7.68 5.62 5.99
C GLY B 43 7.79 7.06 6.48
N LYS B 44 7.53 8.04 5.62
CA LYS B 44 7.62 9.45 6.03
C LYS B 44 6.28 10.17 5.96
N GLY B 45 6.29 11.46 6.26
CA GLY B 45 5.07 12.25 6.29
C GLY B 45 4.74 12.89 4.96
N LEU B 46 3.75 13.77 4.96
CA LEU B 46 3.34 14.46 3.75
C LEU B 46 4.18 15.71 3.50
N GLU B 47 4.71 15.83 2.30
CA GLU B 47 5.49 17.02 1.93
C GLU B 47 4.90 17.74 0.72
N TRP B 48 4.44 18.97 0.95
CA TRP B 48 3.86 19.80 -0.10
C TRP B 48 4.94 20.18 -1.11
N ILE B 49 4.59 20.13 -2.38
CA ILE B 49 5.55 20.47 -3.43
C ILE B 49 5.21 21.85 -4.02
N GLY B 50 3.96 22.03 -4.41
CA GLY B 50 3.52 23.28 -4.99
C GLY B 50 2.11 23.22 -5.55
N GLU B 51 1.66 24.31 -6.14
CA GLU B 51 0.28 24.47 -6.61
C GLU B 51 0.20 25.48 -7.77
N ILE B 52 -0.75 25.28 -8.68
CA ILE B 52 -1.09 26.31 -9.65
C ILE B 52 -2.56 26.63 -9.62
N TYR B 53 -2.89 27.85 -10.04
CA TYR B 53 -4.26 28.26 -10.27
C TYR B 53 -4.49 28.22 -11.78
N HIS B 54 -5.75 28.14 -12.20
CA HIS B 54 -6.08 28.07 -13.62
C HIS B 54 -5.60 29.30 -14.40
N SER B 55 -5.27 30.38 -13.69
CA SER B 55 -4.67 31.56 -14.29
C SER B 55 -3.21 31.32 -14.66
N GLY B 56 -2.52 30.46 -13.91
CA GLY B 56 -1.13 30.16 -14.22
C GLY B 56 -0.16 30.51 -13.10
N ASN B 57 -0.64 31.24 -12.10
CA ASN B 57 0.16 31.55 -10.91
C ASN B 57 0.60 30.31 -10.14
N THR B 58 1.85 30.32 -9.67
CA THR B 58 2.43 29.18 -9.00
C THR B 58 2.91 29.55 -7.60
N ASN B 59 2.77 28.61 -6.67
CA ASN B 59 3.43 28.67 -5.37
C ASN B 59 4.16 27.37 -5.11
N TYR B 60 5.46 27.45 -4.83
CA TYR B 60 6.30 26.28 -4.65
C TYR B 60 6.90 26.20 -3.26
N ASN B 61 7.11 24.97 -2.77
CA ASN B 61 7.94 24.77 -1.60
C ASN B 61 9.28 25.43 -1.85
N PRO B 62 9.70 26.33 -0.95
CA PRO B 62 10.96 27.06 -1.16
C PRO B 62 12.15 26.11 -1.33
N SER B 63 12.15 25.01 -0.59
CA SER B 63 13.26 24.06 -0.62
C SER B 63 13.37 23.28 -1.94
N LEU B 64 12.36 23.40 -2.79
CA LEU B 64 12.33 22.62 -4.03
C LEU B 64 12.24 23.50 -5.26
N LYS B 65 11.96 24.79 -5.03
CA LYS B 65 11.62 25.73 -6.09
C LYS B 65 12.62 25.77 -7.26
N SER B 66 13.86 25.38 -6.99
CA SER B 66 14.90 25.41 -8.01
C SER B 66 14.75 24.26 -9.01
N ARG B 67 14.08 23.19 -8.59
CA ARG B 67 13.98 21.97 -9.39
C ARG B 67 12.58 21.71 -9.91
N VAL B 68 11.62 22.49 -9.40
CA VAL B 68 10.21 22.23 -9.66
C VAL B 68 9.63 23.14 -10.73
N THR B 69 8.81 22.56 -11.59
CA THR B 69 7.95 23.32 -12.47
C THR B 69 6.62 22.62 -12.54
N ILE B 70 5.54 23.35 -12.32
CA ILE B 70 4.25 22.74 -12.55
C ILE B 70 3.36 23.61 -13.44
N SER B 71 2.52 22.96 -14.25
CA SER B 71 1.77 23.66 -15.28
C SER B 71 0.37 23.09 -15.41
N VAL B 72 -0.45 23.75 -16.21
CA VAL B 72 -1.81 23.31 -16.48
C VAL B 72 -2.05 23.16 -17.98
N ASP B 73 -3.11 22.45 -18.34
CA ASP B 73 -3.52 22.25 -19.73
C ASP B 73 -5.05 22.17 -19.76
N LYS B 74 -5.68 23.30 -20.07
CA LYS B 74 -7.13 23.39 -20.01
C LYS B 74 -7.80 22.49 -21.05
N SER B 75 -7.14 22.33 -22.20
CA SER B 75 -7.71 21.56 -23.30
C SER B 75 -7.83 20.07 -22.96
N LYS B 76 -6.97 19.58 -22.08
CA LYS B 76 -7.03 18.19 -21.64
C LYS B 76 -7.58 18.08 -20.22
N ASN B 77 -7.96 19.20 -19.63
CA ASN B 77 -8.46 19.27 -18.25
C ASN B 77 -7.56 18.58 -17.24
N LEU B 78 -6.29 18.99 -17.21
CA LEU B 78 -5.32 18.35 -16.36
C LEU B 78 -4.24 19.34 -15.97
N PHE B 79 -3.47 18.99 -14.95
CA PHE B 79 -2.26 19.74 -14.60
C PHE B 79 -1.12 18.75 -14.38
N SER B 80 0.11 19.25 -14.30
CA SER B 80 1.25 18.35 -14.34
C SER B 80 2.39 18.81 -13.43
N LEU B 81 3.35 17.92 -13.18
CA LEU B 81 4.50 18.23 -12.35
C LEU B 81 5.81 17.79 -13.00
N LYS B 82 6.80 18.67 -12.99
CA LYS B 82 8.16 18.30 -13.37
C LYS B 82 9.14 18.64 -12.26
N LEU B 83 9.88 17.63 -11.81
CA LEU B 83 10.88 17.79 -10.77
C LEU B 83 12.22 17.29 -11.30
N SER B 84 13.18 18.20 -11.47
CA SER B 84 14.43 17.88 -12.14
C SER B 84 15.60 17.53 -11.20
N SER B 85 16.72 17.11 -11.81
CA SER B 85 17.94 16.75 -11.10
C SER B 85 17.68 15.82 -9.92
N VAL B 86 16.98 14.72 -10.16
CA VAL B 86 16.51 13.91 -9.05
C VAL B 86 17.61 13.07 -8.41
N THR B 87 17.39 12.75 -7.15
CA THR B 87 18.27 11.91 -6.35
C THR B 87 17.41 10.82 -5.70
N ALA B 88 18.05 9.88 -5.03
CA ALA B 88 17.33 8.82 -4.32
C ALA B 88 16.40 9.38 -3.25
N ALA B 89 16.66 10.61 -2.81
CA ALA B 89 15.80 11.30 -1.85
C ALA B 89 14.44 11.65 -2.46
N ASP B 90 14.38 11.68 -3.78
CA ASP B 90 13.15 12.06 -4.48
C ASP B 90 12.20 10.86 -4.70
N THR B 91 12.64 9.67 -4.29
CA THR B 91 11.81 8.48 -4.37
C THR B 91 10.65 8.59 -3.38
N ALA B 92 9.43 8.51 -3.87
CA ALA B 92 8.26 8.76 -3.02
C ALA B 92 6.96 8.43 -3.74
N VAL B 93 5.88 8.30 -2.99
CA VAL B 93 4.55 8.26 -3.57
C VAL B 93 4.12 9.70 -3.78
N TYR B 94 3.86 10.08 -5.03
CA TYR B 94 3.41 11.44 -5.35
C TYR B 94 1.89 11.49 -5.46
N TYR B 95 1.26 12.46 -4.78
CA TYR B 95 -0.17 12.66 -4.87
C TYR B 95 -0.52 14.00 -5.51
N CYS B 96 -1.53 13.99 -6.37
CA CYS B 96 -2.15 15.25 -6.79
C CYS B 96 -3.33 15.51 -5.86
N ALA B 97 -3.71 16.78 -5.69
CA ALA B 97 -4.81 17.11 -4.79
C ALA B 97 -5.45 18.42 -5.20
N ARG B 98 -6.75 18.54 -4.98
CA ARG B 98 -7.44 19.80 -5.16
C ARG B 98 -7.52 20.55 -3.83
N VAL B 99 -7.13 21.81 -3.86
CA VAL B 99 -7.01 22.60 -2.66
C VAL B 99 -7.95 23.79 -2.66
N ALA B 100 -8.80 23.88 -1.65
CA ALA B 100 -9.72 25.00 -1.51
C ALA B 100 -8.95 26.29 -1.26
N LEU B 101 -9.41 27.37 -1.88
CA LEU B 101 -8.94 28.70 -1.54
C LEU B 101 -9.21 28.96 -0.07
N PHE B 102 -8.28 29.59 0.61
CA PHE B 102 -8.48 29.96 2.00
C PHE B 102 -9.69 30.88 2.12
N ASP B 103 -10.68 30.44 2.89
CA ASP B 103 -11.87 31.22 3.17
C ASP B 103 -11.78 31.72 4.61
N ILE B 104 -12.12 32.99 4.85
CA ILE B 104 -11.97 33.56 6.19
C ILE B 104 -12.84 32.87 7.27
N LEU B 105 -13.91 32.22 6.86
CA LEU B 105 -14.79 31.52 7.79
C LEU B 105 -14.50 30.01 7.92
N THR B 106 -14.16 29.37 6.80
CA THR B 106 -14.00 27.91 6.80
C THR B 106 -12.56 27.42 6.67
N GLY B 107 -11.61 28.35 6.50
CA GLY B 107 -10.23 27.98 6.28
C GLY B 107 -10.01 27.34 4.91
N GLY B 108 -9.05 26.43 4.83
CA GLY B 108 -8.79 25.71 3.59
C GLY B 108 -8.78 24.22 3.85
N TRP B 109 -8.63 23.42 2.79
CA TRP B 109 -8.57 21.98 2.91
C TRP B 109 -8.12 21.34 1.59
N PHE B 110 -7.72 20.07 1.67
CA PHE B 110 -7.33 19.31 0.49
C PHE B 110 -8.40 18.26 0.25
N ASP B 111 -9.15 18.39 -0.84
CA ASP B 111 -10.10 17.36 -1.24
C ASP B 111 -10.58 17.53 -2.67
N PRO B 112 -10.63 16.43 -3.44
CA PRO B 112 -10.11 15.12 -3.07
C PRO B 112 -8.62 14.97 -3.42
N TRP B 113 -8.05 13.81 -3.12
CA TRP B 113 -6.69 13.47 -3.50
C TRP B 113 -6.70 12.48 -4.66
N GLY B 114 -5.65 12.50 -5.48
CA GLY B 114 -5.44 11.43 -6.46
C GLY B 114 -5.09 10.14 -5.72
N GLN B 115 -4.84 9.06 -6.46
CA GLN B 115 -4.63 7.74 -5.87
C GLN B 115 -3.20 7.52 -5.37
N GLY B 116 -2.28 8.36 -5.84
CA GLY B 116 -0.89 8.23 -5.48
C GLY B 116 -0.17 7.41 -6.53
N THR B 117 1.01 7.88 -6.92
CA THR B 117 1.82 7.12 -7.87
C THR B 117 3.26 7.04 -7.33
N LEU B 118 3.79 5.83 -7.27
CA LEU B 118 5.13 5.62 -6.72
C LEU B 118 6.17 5.88 -7.80
N VAL B 119 7.05 6.84 -7.55
CA VAL B 119 8.13 7.14 -8.47
C VAL B 119 9.42 6.70 -7.80
N THR B 120 10.18 5.85 -8.49
CA THR B 120 11.38 5.29 -7.89
C THR B 120 12.59 5.84 -8.63
N VAL B 121 13.51 6.43 -7.89
CA VAL B 121 14.73 6.96 -8.50
C VAL B 121 15.84 5.93 -8.38
N SER B 122 16.32 5.43 -9.52
CA SER B 122 17.25 4.32 -9.53
C SER B 122 18.01 4.23 -10.85
N SER B 123 19.16 3.59 -10.83
CA SER B 123 19.98 3.38 -12.02
C SER B 123 19.65 2.05 -12.69
N ALA B 124 18.98 1.17 -11.97
CA ALA B 124 18.73 -0.16 -12.47
C ALA B 124 17.67 -0.12 -13.57
N GLY B 125 17.61 -1.16 -14.38
CA GLY B 125 16.63 -1.22 -15.46
C GLY B 125 15.25 -1.68 -15.00
N THR B 126 14.23 -1.10 -15.62
CA THR B 126 12.87 -1.58 -15.49
C THR B 126 12.82 -3.05 -15.91
N LYS B 127 12.09 -3.85 -15.14
CA LYS B 127 11.98 -5.26 -15.47
C LYS B 127 10.59 -5.79 -15.16
N GLY B 128 9.92 -6.32 -16.18
CA GLY B 128 8.58 -6.86 -16.00
C GLY B 128 8.62 -8.22 -15.35
N PRO B 129 7.50 -8.64 -14.79
CA PRO B 129 7.44 -9.89 -14.00
C PRO B 129 7.35 -11.16 -14.84
N SER B 130 7.85 -12.27 -14.29
CA SER B 130 7.51 -13.59 -14.80
C SER B 130 6.43 -14.16 -13.89
N VAL B 131 5.33 -14.64 -14.46
CA VAL B 131 4.19 -15.09 -13.69
C VAL B 131 4.05 -16.59 -13.79
N PHE B 132 3.87 -17.26 -12.66
CA PHE B 132 3.80 -18.72 -12.65
C PHE B 132 2.54 -19.12 -11.94
N PRO B 133 1.86 -20.17 -12.41
CA PRO B 133 0.64 -20.53 -11.71
C PRO B 133 0.94 -21.31 -10.43
N LEU B 134 0.09 -21.15 -9.41
CA LEU B 134 0.16 -21.94 -8.19
C LEU B 134 -1.11 -22.81 -8.15
N ALA B 135 -0.99 -24.04 -8.64
CA ALA B 135 -2.13 -24.91 -8.85
C ALA B 135 -2.79 -25.37 -7.57
N PRO B 136 -4.12 -25.43 -7.55
CA PRO B 136 -4.81 -26.00 -6.41
C PRO B 136 -4.59 -27.51 -6.38
N SER B 137 -4.62 -28.10 -5.18
CA SER B 137 -4.54 -29.54 -5.03
C SER B 137 -5.12 -29.91 -3.67
N SER B 138 -5.14 -31.20 -3.37
CA SER B 138 -5.63 -31.67 -2.08
C SER B 138 -4.85 -31.07 -0.91
N LYS B 139 -3.61 -30.63 -1.16
CA LYS B 139 -2.76 -30.06 -0.12
C LYS B 139 -3.06 -28.57 0.11
N SER B 140 -3.88 -28.00 -0.77
CA SER B 140 -4.28 -26.62 -0.59
C SER B 140 -5.78 -26.56 -0.37
N THR B 141 -6.36 -27.66 0.09
CA THR B 141 -7.81 -27.77 0.23
C THR B 141 -8.25 -27.79 1.69
N SER B 142 -9.36 -27.13 1.98
CA SER B 142 -9.92 -27.15 3.31
C SER B 142 -11.42 -27.46 3.25
N GLY B 143 -11.77 -28.74 3.16
CA GLY B 143 -13.16 -29.15 3.03
C GLY B 143 -13.77 -28.61 1.76
N GLY B 144 -14.69 -27.67 1.89
CA GLY B 144 -15.44 -27.14 0.75
C GLY B 144 -14.74 -26.07 -0.07
N THR B 145 -13.63 -25.55 0.44
CA THR B 145 -12.88 -24.54 -0.30
C THR B 145 -11.45 -25.03 -0.63
N ALA B 146 -10.84 -24.42 -1.64
CA ALA B 146 -9.46 -24.71 -2.02
C ALA B 146 -8.74 -23.40 -2.35
N ALA B 147 -7.44 -23.35 -2.10
CA ALA B 147 -6.64 -22.18 -2.46
C ALA B 147 -5.85 -22.39 -3.75
N LEU B 148 -5.78 -21.35 -4.59
CA LEU B 148 -4.93 -21.40 -5.78
C LEU B 148 -4.37 -19.98 -5.96
N GLY B 149 -3.35 -19.82 -6.79
CA GLY B 149 -2.74 -18.52 -6.91
C GLY B 149 -1.79 -18.29 -8.07
N CYS B 150 -1.10 -17.16 -8.04
CA CYS B 150 -0.07 -16.82 -9.00
C CYS B 150 1.13 -16.29 -8.26
N LEU B 151 2.29 -16.76 -8.69
CA LEU B 151 3.57 -16.24 -8.23
C LEU B 151 4.09 -15.21 -9.26
N VAL B 152 4.31 -14.00 -8.80
CA VAL B 152 4.80 -12.91 -9.65
C VAL B 152 6.24 -12.64 -9.32
N LYS B 153 7.14 -13.13 -10.15
CA LYS B 153 8.56 -13.18 -9.80
C LYS B 153 9.40 -12.12 -10.52
N ASP B 154 10.36 -11.57 -9.80
CA ASP B 154 11.49 -10.85 -10.38
C ASP B 154 11.11 -9.61 -11.21
N TYR B 155 10.42 -8.66 -10.59
CA TYR B 155 10.11 -7.42 -11.28
C TYR B 155 10.74 -6.23 -10.56
N PHE B 156 10.76 -5.10 -11.26
CA PHE B 156 11.30 -3.88 -10.70
C PHE B 156 10.87 -2.75 -11.62
N PRO B 157 10.46 -1.60 -11.03
CA PRO B 157 10.27 -1.36 -9.60
C PRO B 157 8.88 -1.77 -9.16
N GLU B 158 8.54 -1.49 -7.90
CA GLU B 158 7.15 -1.57 -7.47
C GLU B 158 6.37 -0.49 -8.21
N PRO B 159 5.03 -0.65 -8.33
CA PRO B 159 4.25 -1.73 -7.74
C PRO B 159 3.73 -2.74 -8.74
N VAL B 160 3.25 -3.86 -8.21
CA VAL B 160 2.43 -4.78 -8.97
C VAL B 160 1.03 -4.86 -8.36
N THR B 161 0.05 -4.95 -9.24
CA THR B 161 -1.35 -5.09 -8.88
C THR B 161 -1.88 -6.41 -9.52
N VAL B 162 -2.75 -7.12 -8.81
CA VAL B 162 -3.30 -8.37 -9.29
C VAL B 162 -4.82 -8.41 -9.14
N SER B 163 -5.52 -8.80 -10.18
CA SER B 163 -6.94 -9.10 -10.09
C SER B 163 -7.14 -10.52 -10.60
N TRP B 164 -8.36 -11.02 -10.50
CA TRP B 164 -8.67 -12.40 -10.89
C TRP B 164 -9.88 -12.41 -11.82
N ASN B 165 -9.83 -13.19 -12.89
CA ASN B 165 -10.91 -13.24 -13.86
C ASN B 165 -11.37 -11.84 -14.29
N SER B 166 -10.38 -10.96 -14.54
CA SER B 166 -10.61 -9.59 -14.96
C SER B 166 -11.50 -8.81 -13.99
N GLY B 167 -11.43 -9.15 -12.71
CA GLY B 167 -12.19 -8.43 -11.71
C GLY B 167 -13.53 -9.04 -11.37
N ALA B 168 -13.93 -10.08 -12.09
CA ALA B 168 -15.22 -10.72 -11.79
C ALA B 168 -15.11 -11.59 -10.53
N LEU B 169 -13.89 -11.93 -10.13
CA LEU B 169 -13.68 -12.72 -8.93
C LEU B 169 -13.00 -11.84 -7.89
N THR B 170 -13.71 -11.56 -6.80
CA THR B 170 -13.20 -10.63 -5.80
C THR B 170 -13.18 -11.19 -4.38
N SER B 171 -14.18 -11.99 -4.03
CA SER B 171 -14.22 -12.56 -2.70
C SER B 171 -13.22 -13.71 -2.60
N GLY B 172 -12.48 -13.74 -1.50
CA GLY B 172 -11.48 -14.76 -1.29
C GLY B 172 -10.16 -14.41 -1.91
N VAL B 173 -10.04 -13.20 -2.49
CA VAL B 173 -8.76 -12.78 -3.09
C VAL B 173 -7.85 -12.21 -2.03
N HIS B 174 -6.60 -12.61 -2.04
CA HIS B 174 -5.64 -12.10 -1.08
C HIS B 174 -4.29 -11.95 -1.79
N THR B 175 -3.88 -10.71 -2.00
CA THR B 175 -2.63 -10.42 -2.68
C THR B 175 -1.62 -9.97 -1.64
N PHE B 176 -0.51 -10.68 -1.54
CA PHE B 176 0.46 -10.45 -0.48
C PHE B 176 1.49 -9.40 -0.88
N PRO B 177 1.96 -8.60 0.08
CA PRO B 177 3.07 -7.66 -0.14
C PRO B 177 4.35 -8.36 -0.61
N ALA B 178 5.17 -7.64 -1.37
CA ALA B 178 6.32 -8.23 -2.05
C ALA B 178 7.51 -8.47 -1.11
N VAL B 179 8.35 -9.44 -1.44
CA VAL B 179 9.70 -9.51 -0.88
C VAL B 179 10.66 -8.82 -1.84
N LEU B 180 11.72 -8.24 -1.28
CA LEU B 180 12.83 -7.75 -2.06
C LEU B 180 13.99 -8.74 -1.97
N GLN B 181 14.38 -9.28 -3.12
CA GLN B 181 15.50 -10.23 -3.18
C GLN B 181 16.83 -9.50 -3.28
N SER B 182 17.90 -10.18 -2.90
CA SER B 182 19.23 -9.55 -2.85
C SER B 182 19.68 -9.13 -4.25
N SER B 183 19.06 -9.76 -5.25
CA SER B 183 19.24 -9.40 -6.66
C SER B 183 18.76 -7.98 -6.97
N GLY B 184 17.98 -7.39 -6.06
CA GLY B 184 17.38 -6.08 -6.29
C GLY B 184 16.00 -6.15 -6.94
N LEU B 185 15.54 -7.36 -7.22
CA LEU B 185 14.24 -7.58 -7.82
C LEU B 185 13.19 -7.98 -6.77
N TYR B 186 11.91 -7.67 -7.04
CA TYR B 186 10.79 -8.02 -6.15
C TYR B 186 10.02 -9.26 -6.62
N SER B 187 9.36 -9.93 -5.68
CA SER B 187 8.39 -10.96 -5.99
C SER B 187 7.22 -10.88 -5.04
N LEU B 188 6.03 -11.23 -5.53
CA LEU B 188 4.88 -11.38 -4.65
C LEU B 188 4.00 -12.52 -5.10
N SER B 189 2.95 -12.79 -4.35
CA SER B 189 2.00 -13.81 -4.74
C SER B 189 0.58 -13.33 -4.49
N SER B 190 -0.36 -13.85 -5.25
CA SER B 190 -1.78 -13.59 -5.02
C SER B 190 -2.47 -14.94 -4.90
N VAL B 191 -3.35 -15.08 -3.91
CA VAL B 191 -4.06 -16.35 -3.73
C VAL B 191 -5.55 -16.06 -3.71
N VAL B 192 -6.34 -16.97 -4.24
CA VAL B 192 -7.77 -16.83 -4.13
C VAL B 192 -8.33 -18.16 -3.62
N THR B 193 -9.30 -18.09 -2.72
CA THR B 193 -9.91 -19.30 -2.22
C THR B 193 -11.26 -19.49 -2.93
N VAL B 194 -11.45 -20.65 -3.53
CA VAL B 194 -12.65 -20.87 -4.35
C VAL B 194 -13.35 -22.16 -3.91
N PRO B 195 -14.58 -22.40 -4.39
CA PRO B 195 -15.17 -23.70 -4.06
C PRO B 195 -14.32 -24.86 -4.58
N SER B 196 -14.10 -25.86 -3.72
CA SER B 196 -13.25 -26.99 -4.09
C SER B 196 -14.00 -27.90 -5.04
N SER B 197 -15.33 -27.85 -5.00
CA SER B 197 -16.18 -28.74 -5.78
C SER B 197 -16.20 -28.44 -7.28
N SER B 198 -15.81 -27.23 -7.66
CA SER B 198 -15.90 -26.81 -9.06
C SER B 198 -14.54 -26.49 -9.70
N LEU B 199 -13.49 -27.16 -9.22
CA LEU B 199 -12.16 -26.95 -9.78
C LEU B 199 -12.05 -27.46 -11.22
N GLY B 200 -12.86 -28.45 -11.56
CA GLY B 200 -12.84 -29.00 -12.91
C GLY B 200 -13.74 -28.22 -13.85
N THR B 201 -14.46 -27.25 -13.32
CA THR B 201 -15.49 -26.56 -14.09
C THR B 201 -15.20 -25.07 -14.31
N GLN B 202 -14.67 -24.41 -13.29
CA GLN B 202 -14.45 -22.98 -13.40
C GLN B 202 -13.04 -22.61 -13.85
N THR B 203 -12.95 -21.66 -14.76
CA THR B 203 -11.65 -21.14 -15.20
C THR B 203 -11.16 -20.01 -14.29
N TYR B 204 -9.93 -20.14 -13.83
CA TYR B 204 -9.30 -19.11 -13.00
C TYR B 204 -8.07 -18.54 -13.68
N ILE B 205 -8.07 -17.23 -13.84
CA ILE B 205 -6.98 -16.52 -14.49
C ILE B 205 -6.59 -15.32 -13.62
N CYS B 206 -5.32 -15.18 -13.30
CA CYS B 206 -4.89 -13.98 -12.59
C CYS B 206 -4.40 -12.94 -13.59
N ASN B 207 -4.76 -11.69 -13.34
CA ASN B 207 -4.39 -10.59 -14.21
C ASN B 207 -3.38 -9.77 -13.44
N VAL B 208 -2.13 -9.89 -13.86
CA VAL B 208 -1.04 -9.28 -13.15
C VAL B 208 -0.61 -8.02 -13.87
N ASN B 209 -0.66 -6.90 -13.17
CA ASN B 209 -0.41 -5.61 -13.79
C ASN B 209 0.90 -5.02 -13.28
N HIS B 210 1.84 -4.77 -14.20
CA HIS B 210 3.10 -4.08 -13.86
C HIS B 210 3.25 -2.84 -14.71
N LYS B 211 2.63 -1.75 -14.28
CA LYS B 211 2.63 -0.50 -15.04
C LYS B 211 4.00 0.12 -15.38
N PRO B 212 4.96 0.04 -14.45
CA PRO B 212 6.27 0.60 -14.79
C PRO B 212 6.85 0.01 -16.08
N SER B 213 6.56 -1.25 -16.40
CA SER B 213 7.05 -1.81 -17.67
C SER B 213 5.95 -1.89 -18.72
N ASN B 214 4.81 -1.22 -18.47
CA ASN B 214 3.67 -1.29 -19.40
C ASN B 214 3.28 -2.73 -19.72
N THR B 215 3.40 -3.60 -18.72
CA THR B 215 3.13 -5.02 -18.91
C THR B 215 1.94 -5.50 -18.10
N LYS B 216 1.11 -6.32 -18.72
CA LYS B 216 0.06 -7.03 -18.04
C LYS B 216 0.13 -8.50 -18.48
N VAL B 217 0.08 -9.42 -17.53
CA VAL B 217 0.11 -10.86 -17.86
C VAL B 217 -1.15 -11.53 -17.32
N ASP B 218 -1.84 -12.31 -18.17
CA ASP B 218 -3.01 -13.04 -17.74
C ASP B 218 -2.65 -14.52 -17.77
N LYS B 219 -2.51 -15.10 -16.59
CA LYS B 219 -2.05 -16.46 -16.48
C LYS B 219 -3.18 -17.38 -16.00
N ARG B 220 -3.46 -18.39 -16.82
CA ARG B 220 -4.46 -19.39 -16.51
C ARG B 220 -3.91 -20.30 -15.41
N VAL B 221 -4.71 -20.58 -14.37
CA VAL B 221 -4.26 -21.47 -13.32
C VAL B 221 -5.14 -22.72 -13.29
N GLU B 222 -4.54 -23.85 -13.67
CA GLU B 222 -5.26 -25.12 -13.78
C GLU B 222 -4.98 -26.09 -12.63
N PRO B 223 -5.95 -26.97 -12.32
CA PRO B 223 -5.84 -27.92 -11.20
C PRO B 223 -4.90 -29.09 -11.54
#